data_2GHT
#
_entry.id   2GHT
#
_cell.length_a   125.916
_cell.length_b   78.787
_cell.length_c   62.948
_cell.angle_alpha   90.00
_cell.angle_beta   112.08
_cell.angle_gamma   90.00
#
_symmetry.space_group_name_H-M   'C 1 2 1'
#
loop_
_entity.id
_entity.type
_entity.pdbx_description
1 polymer 'Carboxy-terminal domain RNA polymerase II polypeptide A small phosphatase 1'
2 polymer 'DNA-directed RNA polymerase II largest subunit'
3 non-polymer 'MAGNESIUM ION'
4 water water
#
loop_
_entity_poly.entity_id
_entity_poly.type
_entity_poly.pdbx_seq_one_letter_code
_entity_poly.pdbx_strand_id
1 'polypeptide(L)'
;HQYLLPEAKAQDSDKICVVINLDETLVHSSFKPVNNADFIIPVEIDGVVHQVYVLKRPHVDEFLQRMGELFECVLFTASL
AKYADPVADLLDKWGAFRARLFRESCVFHRGNYVKDLSRLGRDLRRVLILDNSPASYVFHPDNAVPVASWFDNMSDTELH
DLLPFFEQLSRVDDVYSVLRQ
;
A,B
2 'polypeptide(L)' SYSPT(SEP)PS C,D
#
loop_
_chem_comp.id
_chem_comp.type
_chem_comp.name
_chem_comp.formula
MG non-polymer 'MAGNESIUM ION' 'Mg 2'
#
# COMPACT_ATOMS: atom_id res chain seq x y z
N GLN A 2 -3.39 -16.07 30.05
CA GLN A 2 -2.42 -15.49 31.03
C GLN A 2 -1.73 -14.24 30.47
N TYR A 3 -0.43 -14.12 30.71
CA TYR A 3 0.31 -12.96 30.24
C TYR A 3 0.82 -13.11 28.81
N LEU A 4 1.13 -11.98 28.19
CA LEU A 4 1.61 -11.97 26.80
C LEU A 4 3.05 -12.44 26.68
N LEU A 5 3.82 -12.31 27.75
CA LEU A 5 5.23 -12.72 27.74
C LEU A 5 5.48 -13.81 28.76
N PRO A 6 6.43 -14.72 28.47
CA PRO A 6 6.74 -15.79 29.42
C PRO A 6 7.71 -15.16 30.40
N GLU A 7 8.07 -15.87 31.47
CA GLU A 7 9.02 -15.33 32.45
C GLU A 7 10.25 -14.83 31.69
N ALA A 8 10.95 -13.85 32.27
CA ALA A 8 12.15 -13.31 31.61
C ALA A 8 13.26 -14.35 31.73
N LYS A 9 14.09 -14.46 30.71
CA LYS A 9 15.20 -15.42 30.75
C LYS A 9 16.10 -15.00 31.91
N ALA A 10 16.85 -15.96 32.44
CA ALA A 10 17.75 -15.70 33.54
C ALA A 10 18.57 -14.43 33.36
N GLN A 11 19.16 -14.27 32.18
CA GLN A 11 19.99 -13.10 31.88
C GLN A 11 19.24 -11.76 31.87
N ASP A 12 17.93 -11.80 31.62
CA ASP A 12 17.14 -10.58 31.56
C ASP A 12 16.35 -10.27 32.83
N SER A 13 16.41 -11.16 33.82
CA SER A 13 15.67 -10.98 35.06
C SER A 13 15.87 -9.63 35.76
N ASP A 14 17.12 -9.21 35.90
CA ASP A 14 17.44 -7.96 36.58
C ASP A 14 17.26 -6.73 35.72
N LYS A 15 16.88 -6.90 34.46
CA LYS A 15 16.73 -5.75 33.60
C LYS A 15 15.32 -5.22 33.50
N ILE A 16 15.22 -3.93 33.24
CA ILE A 16 13.95 -3.27 33.05
C ILE A 16 13.48 -3.72 31.67
N CYS A 17 12.17 -3.93 31.52
CA CYS A 17 11.61 -4.35 30.26
C CYS A 17 11.18 -3.11 29.50
N VAL A 18 11.62 -2.99 28.25
CA VAL A 18 11.22 -1.82 27.47
C VAL A 18 10.43 -2.26 26.25
N VAL A 19 9.22 -1.72 26.15
CA VAL A 19 8.32 -1.99 25.03
C VAL A 19 8.66 -0.94 23.99
N ILE A 20 8.93 -1.38 22.76
CA ILE A 20 9.30 -0.48 21.69
C ILE A 20 8.36 -0.63 20.51
N ASN A 21 7.79 0.49 20.08
CA ASN A 21 6.85 0.53 18.97
C ASN A 21 7.62 0.46 17.65
N LEU A 22 6.92 0.12 16.56
CA LEU A 22 7.56 0.04 15.25
C LEU A 22 7.29 1.24 14.34
N ASP A 23 6.07 1.32 13.81
CA ASP A 23 5.72 2.41 12.88
C ASP A 23 5.80 3.82 13.45
N GLU A 24 6.48 4.68 12.70
CA GLU A 24 6.68 6.07 13.09
C GLU A 24 7.59 6.25 14.31
N THR A 25 8.13 5.14 14.81
CA THR A 25 9.03 5.19 15.96
C THR A 25 10.42 4.75 15.50
N LEU A 26 10.51 3.56 14.92
CA LEU A 26 11.77 3.00 14.43
C LEU A 26 11.88 3.10 12.91
N VAL A 27 10.75 3.02 12.23
CA VAL A 27 10.73 3.07 10.77
C VAL A 27 9.46 3.79 10.34
N HIS A 28 9.34 4.02 9.04
CA HIS A 28 8.15 4.62 8.46
C HIS A 28 7.93 3.92 7.13
N SER A 29 6.71 3.42 6.93
CA SER A 29 6.40 2.68 5.73
C SER A 29 5.25 3.24 4.92
N SER A 30 5.20 2.83 3.66
CA SER A 30 4.16 3.30 2.76
C SER A 30 3.99 2.33 1.59
N PHE A 31 2.82 2.37 0.97
CA PHE A 31 2.55 1.53 -0.19
C PHE A 31 2.89 2.35 -1.44
N LYS A 32 3.18 3.64 -1.23
CA LYS A 32 3.55 4.53 -2.32
C LYS A 32 5.01 4.29 -2.63
N PRO A 33 5.32 3.93 -3.88
CA PRO A 33 6.71 3.67 -4.29
C PRO A 33 7.66 4.81 -3.99
N VAL A 34 8.84 4.45 -3.50
CA VAL A 34 9.91 5.42 -3.22
C VAL A 34 11.17 4.69 -3.67
N ASN A 35 12.19 5.41 -4.10
CA ASN A 35 13.41 4.76 -4.55
C ASN A 35 14.46 4.58 -3.47
N ASN A 36 14.32 5.26 -2.35
CA ASN A 36 15.35 5.15 -1.31
C ASN A 36 14.93 4.31 -0.13
N ALA A 37 14.00 3.38 -0.37
CA ALA A 37 13.54 2.51 0.69
C ALA A 37 14.66 1.58 1.17
N ASP A 38 14.70 1.34 2.47
CA ASP A 38 15.69 0.46 3.07
C ASP A 38 15.22 -1.00 2.92
N PHE A 39 13.92 -1.22 3.05
CA PHE A 39 13.34 -2.56 2.91
C PHE A 39 12.10 -2.48 2.05
N ILE A 40 11.85 -3.55 1.30
CA ILE A 40 10.65 -3.67 0.49
C ILE A 40 10.09 -5.02 0.96
N ILE A 41 8.87 -5.00 1.49
CA ILE A 41 8.24 -6.21 2.03
C ILE A 41 6.96 -6.55 1.28
N PRO A 42 6.86 -7.78 0.76
CA PRO A 42 5.65 -8.20 0.04
C PRO A 42 4.60 -8.60 1.08
N VAL A 43 3.46 -7.93 1.06
CA VAL A 43 2.41 -8.24 2.02
C VAL A 43 1.19 -8.72 1.25
N GLU A 44 0.78 -9.95 1.51
CA GLU A 44 -0.39 -10.51 0.84
C GLU A 44 -1.65 -10.15 1.58
N ILE A 45 -2.61 -9.60 0.84
CA ILE A 45 -3.90 -9.20 1.39
C ILE A 45 -5.00 -9.72 0.46
N ASP A 46 -5.77 -10.67 0.96
CA ASP A 46 -6.84 -11.27 0.18
C ASP A 46 -6.35 -11.78 -1.18
N GLY A 47 -5.23 -12.49 -1.17
CA GLY A 47 -4.71 -13.05 -2.41
C GLY A 47 -3.84 -12.13 -3.27
N VAL A 48 -3.87 -10.84 -3.00
CA VAL A 48 -3.08 -9.87 -3.76
C VAL A 48 -1.78 -9.54 -3.03
N VAL A 49 -0.67 -9.52 -3.75
CA VAL A 49 0.61 -9.22 -3.11
C VAL A 49 0.97 -7.75 -3.28
N HIS A 50 0.93 -7.00 -2.17
CA HIS A 50 1.29 -5.58 -2.20
C HIS A 50 2.73 -5.39 -1.73
N GLN A 51 3.39 -4.34 -2.21
CA GLN A 51 4.76 -4.07 -1.79
C GLN A 51 4.78 -2.93 -0.79
N VAL A 52 5.41 -3.14 0.36
CA VAL A 52 5.48 -2.07 1.34
C VAL A 52 6.92 -1.53 1.38
N TYR A 53 7.06 -0.23 1.21
CA TYR A 53 8.39 0.38 1.22
C TYR A 53 8.69 0.91 2.61
N VAL A 54 9.78 0.44 3.19
CA VAL A 54 10.15 0.81 4.55
C VAL A 54 11.43 1.64 4.62
N LEU A 55 11.36 2.76 5.34
CA LEU A 55 12.49 3.65 5.57
C LEU A 55 12.92 3.53 7.03
N LYS A 56 14.22 3.40 7.27
CA LYS A 56 14.71 3.28 8.65
C LYS A 56 14.96 4.66 9.24
N ARG A 57 14.62 4.84 10.52
CA ARG A 57 14.86 6.11 11.18
C ARG A 57 16.35 6.25 11.47
N PRO A 58 16.89 7.48 11.35
CA PRO A 58 18.32 7.70 11.60
C PRO A 58 18.78 7.11 12.94
N HIS A 59 19.97 6.54 12.93
CA HIS A 59 20.59 5.95 14.12
C HIS A 59 19.84 4.75 14.72
N VAL A 60 18.84 4.24 14.01
CA VAL A 60 18.09 3.09 14.54
C VAL A 60 18.98 1.88 14.88
N ASP A 61 20.01 1.62 14.08
CA ASP A 61 20.88 0.48 14.34
C ASP A 61 21.67 0.62 15.64
N GLU A 62 22.29 1.78 15.86
CA GLU A 62 23.04 2.00 17.08
C GLU A 62 22.06 1.98 18.25
N PHE A 63 20.85 2.48 18.02
CA PHE A 63 19.85 2.54 19.09
C PHE A 63 19.46 1.14 19.55
N LEU A 64 19.03 0.29 18.62
CA LEU A 64 18.62 -1.07 18.98
C LEU A 64 19.72 -1.93 19.57
N GLN A 65 20.96 -1.73 19.12
CA GLN A 65 22.06 -2.53 19.64
C GLN A 65 22.31 -2.20 21.10
N ARG A 66 22.28 -0.91 21.42
CA ARG A 66 22.50 -0.48 22.79
C ARG A 66 21.35 -0.86 23.71
N MET A 67 20.12 -0.61 23.27
CA MET A 67 18.94 -0.95 24.07
C MET A 67 18.93 -2.45 24.36
N GLY A 68 19.34 -3.23 23.37
CA GLY A 68 19.38 -4.67 23.53
C GLY A 68 20.30 -5.09 24.66
N GLU A 69 21.35 -4.31 24.90
CA GLU A 69 22.29 -4.63 25.96
C GLU A 69 21.78 -4.13 27.31
N LEU A 70 21.09 -2.99 27.30
CA LEU A 70 20.57 -2.37 28.52
C LEU A 70 19.27 -2.94 29.09
N PHE A 71 18.34 -3.30 28.22
CA PHE A 71 17.05 -3.78 28.65
C PHE A 71 16.58 -5.08 28.03
N GLU A 72 15.45 -5.57 28.53
CA GLU A 72 14.81 -6.75 27.98
C GLU A 72 13.83 -6.09 27.01
N CYS A 73 14.26 -5.99 25.74
CA CYS A 73 13.46 -5.32 24.72
C CYS A 73 12.37 -6.19 24.12
N VAL A 74 11.20 -5.58 23.96
CA VAL A 74 10.05 -6.26 23.40
C VAL A 74 9.38 -5.37 22.37
N LEU A 75 9.17 -5.91 21.17
CA LEU A 75 8.52 -5.16 20.10
C LEU A 75 7.02 -5.29 20.36
N PHE A 76 6.32 -4.15 20.38
CA PHE A 76 4.87 -4.16 20.60
C PHE A 76 4.32 -3.19 19.57
N THR A 77 3.55 -3.73 18.62
CA THR A 77 3.02 -2.90 17.55
C THR A 77 1.54 -3.18 17.33
N ALA A 78 0.84 -2.20 16.77
CA ALA A 78 -0.58 -2.34 16.46
C ALA A 78 -0.69 -2.78 15.01
N SER A 79 0.44 -3.15 14.40
CA SER A 79 0.40 -3.60 13.00
C SER A 79 0.30 -5.11 12.96
N LEU A 80 -0.03 -5.66 11.78
CA LEU A 80 -0.17 -7.11 11.62
C LEU A 80 1.20 -7.77 11.45
N ALA A 81 1.31 -9.00 11.93
CA ALA A 81 2.56 -9.73 11.84
C ALA A 81 3.06 -9.92 10.39
N LYS A 82 2.13 -10.07 9.45
CA LYS A 82 2.50 -10.25 8.04
C LYS A 82 3.36 -9.08 7.57
N TYR A 83 3.28 -7.97 8.28
CA TYR A 83 4.07 -6.79 7.93
C TYR A 83 5.22 -6.61 8.89
N ALA A 84 4.89 -6.55 10.18
CA ALA A 84 5.85 -6.29 11.23
C ALA A 84 6.91 -7.36 11.49
N ASP A 85 6.54 -8.64 11.39
CA ASP A 85 7.49 -9.72 11.63
C ASP A 85 8.64 -9.66 10.61
N PRO A 86 8.33 -9.54 9.31
CA PRO A 86 9.45 -9.46 8.35
C PRO A 86 10.30 -8.20 8.58
N VAL A 87 9.66 -7.07 8.90
CA VAL A 87 10.45 -5.86 9.14
C VAL A 87 11.38 -6.05 10.33
N ALA A 88 10.87 -6.64 11.40
CA ALA A 88 11.67 -6.89 12.59
C ALA A 88 12.86 -7.81 12.26
N ASP A 89 12.61 -8.83 11.46
CA ASP A 89 13.67 -9.77 11.04
C ASP A 89 14.80 -9.04 10.34
N LEU A 90 14.46 -8.16 9.40
CA LEU A 90 15.46 -7.42 8.63
C LEU A 90 16.10 -6.32 9.44
N LEU A 91 15.33 -5.75 10.37
CA LEU A 91 15.80 -4.64 11.19
C LEU A 91 16.70 -5.01 12.37
N ASP A 92 16.26 -6.00 13.14
CA ASP A 92 16.96 -6.41 14.38
C ASP A 92 18.08 -7.42 14.14
N LYS A 93 19.24 -6.93 13.71
CA LYS A 93 20.37 -7.81 13.44
C LYS A 93 21.08 -8.32 14.69
N TRP A 94 20.85 -7.67 15.82
CA TRP A 94 21.50 -8.07 17.08
C TRP A 94 20.63 -8.86 18.03
N GLY A 95 19.43 -9.21 17.58
CA GLY A 95 18.54 -9.98 18.44
C GLY A 95 18.13 -9.19 19.68
N ALA A 96 17.97 -7.89 19.54
CA ALA A 96 17.57 -7.07 20.66
C ALA A 96 16.18 -7.46 21.17
N PHE A 97 15.26 -7.76 20.25
CA PHE A 97 13.89 -8.13 20.62
C PHE A 97 13.73 -9.54 21.20
N ARG A 98 13.46 -9.62 22.50
CA ARG A 98 13.26 -10.92 23.16
C ARG A 98 11.92 -11.52 22.77
N ALA A 99 10.97 -10.65 22.42
CA ALA A 99 9.63 -11.09 22.03
C ALA A 99 9.05 -10.02 21.14
N ARG A 100 7.99 -10.38 20.40
CA ARG A 100 7.32 -9.47 19.50
C ARG A 100 5.82 -9.64 19.67
N LEU A 101 5.12 -8.52 19.85
CA LEU A 101 3.66 -8.56 20.04
C LEU A 101 3.02 -7.68 18.98
N PHE A 102 1.96 -8.18 18.36
CA PHE A 102 1.31 -7.46 17.28
C PHE A 102 -0.11 -7.02 17.61
N ARG A 103 -0.86 -6.60 16.60
CA ARG A 103 -2.23 -6.11 16.80
C ARG A 103 -3.11 -7.00 17.68
N GLU A 104 -3.07 -8.32 17.48
CA GLU A 104 -3.90 -9.22 18.29
C GLU A 104 -3.67 -9.08 19.79
N SER A 105 -2.46 -8.68 20.17
CA SER A 105 -2.10 -8.52 21.58
C SER A 105 -2.48 -7.17 22.15
N CYS A 106 -2.93 -6.25 21.30
CA CYS A 106 -3.33 -4.94 21.77
C CYS A 106 -4.78 -5.04 22.22
N VAL A 107 -5.21 -4.12 23.09
CA VAL A 107 -6.59 -4.13 23.54
C VAL A 107 -7.31 -2.99 22.82
N PHE A 108 -8.34 -3.34 22.06
CA PHE A 108 -9.11 -2.33 21.32
C PHE A 108 -10.08 -1.69 22.31
N HIS A 109 -9.83 -0.43 22.62
CA HIS A 109 -10.64 0.29 23.58
C HIS A 109 -10.95 1.71 23.09
N ARG A 110 -12.23 1.98 22.91
CA ARG A 110 -12.68 3.29 22.46
C ARG A 110 -12.06 3.71 21.13
N GLY A 111 -12.12 2.82 20.15
CA GLY A 111 -11.58 3.12 18.83
C GLY A 111 -10.09 2.99 18.62
N ASN A 112 -9.31 2.87 19.70
CA ASN A 112 -7.86 2.79 19.57
C ASN A 112 -7.27 1.50 20.10
N TYR A 113 -6.19 1.05 19.48
CA TYR A 113 -5.51 -0.16 19.94
C TYR A 113 -4.56 0.31 21.02
N VAL A 114 -4.77 -0.19 22.23
CA VAL A 114 -3.92 0.22 23.33
C VAL A 114 -2.96 -0.89 23.74
N LYS A 115 -1.72 -0.50 24.03
CA LYS A 115 -0.72 -1.45 24.48
C LYS A 115 -0.89 -1.52 26.00
N ASP A 116 -1.73 -2.44 26.46
CA ASP A 116 -1.96 -2.57 27.89
C ASP A 116 -0.79 -3.29 28.54
N LEU A 117 0.13 -2.50 29.09
CA LEU A 117 1.34 -3.03 29.71
C LEU A 117 1.06 -4.00 30.86
N SER A 118 -0.13 -3.93 31.43
CA SER A 118 -0.50 -4.81 32.53
C SER A 118 -0.53 -6.27 32.09
N ARG A 119 -0.81 -6.50 30.81
CA ARG A 119 -0.89 -7.85 30.27
C ARG A 119 0.47 -8.49 30.01
N LEU A 120 1.52 -7.69 30.13
CA LEU A 120 2.90 -8.15 29.90
C LEU A 120 3.33 -9.21 30.92
N GLY A 121 3.09 -8.93 32.18
CA GLY A 121 3.49 -9.87 33.23
C GLY A 121 4.83 -9.43 33.79
N ARG A 122 5.04 -8.13 33.82
CA ARG A 122 6.27 -7.57 34.35
C ARG A 122 5.90 -6.49 35.37
N ASP A 123 6.77 -6.29 36.35
CA ASP A 123 6.54 -5.30 37.38
C ASP A 123 6.56 -3.93 36.71
N LEU A 124 5.41 -3.27 36.64
CA LEU A 124 5.34 -1.98 35.98
C LEU A 124 6.34 -0.95 36.48
N ARG A 125 6.91 -1.18 37.67
CA ARG A 125 7.91 -0.25 38.17
C ARG A 125 9.22 -0.55 37.42
N ARG A 126 9.21 -1.64 36.68
CA ARG A 126 10.39 -2.07 35.89
C ARG A 126 10.04 -2.14 34.40
N VAL A 127 9.06 -1.35 33.98
CA VAL A 127 8.64 -1.36 32.58
C VAL A 127 8.58 0.05 31.96
N LEU A 128 9.02 0.15 30.71
CA LEU A 128 9.00 1.41 29.99
C LEU A 128 8.42 1.14 28.61
N ILE A 129 7.79 2.16 28.04
CA ILE A 129 7.25 2.03 26.69
C ILE A 129 7.66 3.24 25.87
N LEU A 130 8.20 2.96 24.69
CA LEU A 130 8.64 3.98 23.76
C LEU A 130 7.69 3.86 22.58
N ASP A 131 6.74 4.79 22.48
CA ASP A 131 5.76 4.76 21.41
C ASP A 131 5.51 6.20 20.97
N ASN A 132 5.44 6.43 19.66
CA ASN A 132 5.22 7.78 19.14
C ASN A 132 3.79 8.28 19.34
N SER A 133 2.86 7.39 19.64
CA SER A 133 1.47 7.79 19.83
C SER A 133 1.00 7.66 21.28
N PRO A 134 0.74 8.80 21.95
CA PRO A 134 0.27 8.78 23.34
C PRO A 134 -0.93 7.88 23.57
N ALA A 135 -1.78 7.75 22.55
CA ALA A 135 -2.97 6.90 22.68
C ALA A 135 -2.60 5.44 22.93
N SER A 136 -1.40 5.05 22.51
CA SER A 136 -0.94 3.67 22.68
C SER A 136 -0.80 3.25 24.14
N TYR A 137 -0.49 4.21 25.01
CA TYR A 137 -0.32 3.89 26.43
C TYR A 137 -1.24 4.64 27.39
N VAL A 138 -2.45 4.98 26.94
CA VAL A 138 -3.41 5.69 27.77
C VAL A 138 -3.59 5.01 29.13
N PHE A 139 -3.44 3.68 29.17
CA PHE A 139 -3.58 2.93 30.42
C PHE A 139 -2.35 3.03 31.34
N HIS A 140 -1.23 3.50 30.81
CA HIS A 140 0.00 3.59 31.60
C HIS A 140 0.85 4.80 31.21
N PRO A 141 0.28 6.01 31.31
CA PRO A 141 0.99 7.24 30.96
C PRO A 141 2.28 7.52 31.73
N ASP A 142 2.48 6.86 32.85
CA ASP A 142 3.69 7.10 33.64
C ASP A 142 4.79 6.05 33.48
N ASN A 143 4.73 5.31 32.37
CA ASN A 143 5.74 4.30 32.06
C ASN A 143 6.29 4.72 30.70
N ALA A 144 5.66 5.72 30.13
CA ALA A 144 6.01 6.21 28.81
C ALA A 144 7.17 7.18 28.69
N VAL A 145 8.02 6.90 27.71
CA VAL A 145 9.16 7.74 27.38
C VAL A 145 8.74 8.26 26.01
N PRO A 146 8.23 9.50 25.97
CA PRO A 146 7.77 10.11 24.71
C PRO A 146 8.83 10.22 23.62
N VAL A 147 8.38 10.12 22.37
CA VAL A 147 9.24 10.23 21.20
C VAL A 147 8.37 10.72 20.05
N ALA A 148 8.91 11.65 19.26
CA ALA A 148 8.15 12.22 18.15
C ALA A 148 7.95 11.26 16.98
N SER A 149 6.83 11.39 16.29
CA SER A 149 6.54 10.53 15.14
C SER A 149 7.50 10.87 14.02
N TRP A 150 8.14 9.86 13.45
CA TRP A 150 9.07 10.06 12.35
C TRP A 150 8.48 9.57 11.04
N PHE A 151 8.79 10.26 9.95
CA PHE A 151 8.27 9.87 8.65
C PHE A 151 9.35 9.75 7.59
N ASP A 152 10.14 10.79 7.42
CA ASP A 152 11.20 10.76 6.41
C ASP A 152 12.33 11.75 6.66
N ASN A 153 12.27 12.49 7.77
CA ASN A 153 13.31 13.48 8.07
C ASN A 153 14.64 12.82 8.39
N MET A 154 15.51 12.73 7.39
CA MET A 154 16.81 12.10 7.57
C MET A 154 17.77 12.87 8.47
N SER A 155 17.32 14.01 8.99
CA SER A 155 18.15 14.80 9.88
C SER A 155 17.79 14.53 11.33
N ASP A 156 16.84 13.62 11.51
CA ASP A 156 16.37 13.26 12.84
C ASP A 156 17.48 12.64 13.69
N THR A 157 17.47 12.94 14.98
CA THR A 157 18.48 12.42 15.90
C THR A 157 17.85 12.00 17.23
N GLU A 158 16.53 11.87 17.23
CA GLU A 158 15.77 11.48 18.40
C GLU A 158 16.30 10.21 19.08
N LEU A 159 16.40 9.13 18.31
CA LEU A 159 16.85 7.86 18.86
C LEU A 159 18.26 7.97 19.46
N HIS A 160 19.13 8.70 18.78
CA HIS A 160 20.50 8.91 19.25
C HIS A 160 20.49 9.70 20.56
N ASP A 161 19.75 10.80 20.56
CA ASP A 161 19.69 11.70 21.71
C ASP A 161 19.00 11.09 22.92
N LEU A 162 18.24 10.02 22.71
CA LEU A 162 17.53 9.36 23.81
C LEU A 162 18.37 8.38 24.60
N LEU A 163 19.44 7.87 23.99
CA LEU A 163 20.28 6.86 24.66
C LEU A 163 20.82 7.25 26.04
N PRO A 164 21.35 8.47 26.19
CA PRO A 164 21.86 8.82 27.52
C PRO A 164 20.77 8.70 28.57
N PHE A 165 19.55 9.09 28.21
CA PHE A 165 18.40 9.04 29.11
C PHE A 165 18.13 7.59 29.53
N PHE A 166 18.03 6.71 28.54
CA PHE A 166 17.78 5.29 28.80
C PHE A 166 18.94 4.72 29.59
N GLU A 167 20.13 5.21 29.28
CA GLU A 167 21.35 4.78 29.94
C GLU A 167 21.20 4.91 31.46
N GLN A 168 20.68 6.06 31.91
CA GLN A 168 20.52 6.27 33.34
C GLN A 168 19.30 5.57 33.92
N LEU A 169 18.26 5.39 33.11
CA LEU A 169 17.06 4.70 33.58
C LEU A 169 17.36 3.24 33.85
N SER A 170 18.23 2.65 33.05
CA SER A 170 18.59 1.25 33.20
C SER A 170 19.18 0.96 34.56
N ARG A 171 19.53 2.02 35.29
CA ARG A 171 20.12 1.90 36.61
C ARG A 171 19.13 2.03 37.77
N VAL A 172 18.05 2.79 37.58
CA VAL A 172 17.08 2.98 38.65
C VAL A 172 16.35 1.70 39.01
N ASP A 173 15.78 1.67 40.22
CA ASP A 173 15.04 0.51 40.69
C ASP A 173 13.55 0.65 40.36
N ASP A 174 13.11 1.90 40.27
CA ASP A 174 11.71 2.22 39.98
C ASP A 174 11.68 3.34 38.96
N VAL A 175 11.17 3.05 37.76
CA VAL A 175 11.10 4.06 36.71
C VAL A 175 10.21 5.25 37.09
N TYR A 176 9.21 4.97 37.94
CA TYR A 176 8.30 6.02 38.37
C TYR A 176 9.05 7.10 39.16
N SER A 177 10.17 6.72 39.76
CA SER A 177 10.97 7.67 40.53
C SER A 177 11.50 8.78 39.65
N VAL A 178 11.65 8.50 38.35
CA VAL A 178 12.16 9.48 37.40
C VAL A 178 11.07 9.99 36.46
N LEU A 179 10.08 9.15 36.20
CA LEU A 179 8.98 9.52 35.30
C LEU A 179 7.81 10.15 36.05
N ARG A 180 7.92 10.21 37.38
CA ARG A 180 6.88 10.77 38.23
C ARG A 180 5.61 9.94 38.22
N GLN A 181 5.26 9.40 39.39
CA GLN A 181 4.06 8.57 39.53
C GLN A 181 3.92 8.06 40.98
N GLN B 2 -22.45 11.07 -5.10
CA GLN B 2 -21.97 9.66 -5.17
C GLN B 2 -20.83 9.48 -6.17
N TYR B 3 -19.59 9.44 -5.68
CA TYR B 3 -18.46 9.25 -6.58
C TYR B 3 -18.48 7.84 -7.19
N LEU B 4 -17.87 7.72 -8.35
CA LEU B 4 -17.83 6.44 -9.06
C LEU B 4 -17.08 5.36 -8.30
N LEU B 5 -16.08 5.77 -7.51
CA LEU B 5 -15.29 4.81 -6.75
C LEU B 5 -15.50 4.98 -5.26
N PRO B 6 -15.40 3.87 -4.49
CA PRO B 6 -15.58 3.95 -3.04
C PRO B 6 -14.26 4.54 -2.52
N GLU B 7 -14.13 4.68 -1.20
CA GLU B 7 -12.88 5.21 -0.67
C GLU B 7 -11.78 4.19 -0.94
N ALA B 8 -10.57 4.67 -1.18
CA ALA B 8 -9.45 3.78 -1.46
C ALA B 8 -9.13 2.92 -0.26
N LYS B 9 -8.81 1.65 -0.51
CA LYS B 9 -8.43 0.72 0.54
C LYS B 9 -7.12 1.24 1.15
N ALA B 10 -6.87 0.90 2.41
CA ALA B 10 -5.66 1.35 3.10
C ALA B 10 -4.38 1.12 2.29
N GLN B 11 -4.27 -0.05 1.68
CA GLN B 11 -3.08 -0.38 0.90
C GLN B 11 -3.00 0.37 -0.44
N ASP B 12 -4.01 1.19 -0.76
CA ASP B 12 -4.02 1.94 -2.02
C ASP B 12 -4.10 3.46 -1.82
N SER B 13 -4.53 3.90 -0.65
CA SER B 13 -4.71 5.33 -0.34
C SER B 13 -3.59 6.30 -0.71
N ASP B 14 -2.35 5.92 -0.45
CA ASP B 14 -1.24 6.82 -0.75
C ASP B 14 -0.70 6.73 -2.17
N LYS B 15 -1.25 5.81 -2.97
CA LYS B 15 -0.80 5.65 -4.35
C LYS B 15 -1.57 6.49 -5.36
N ILE B 16 -0.93 6.75 -6.50
CA ILE B 16 -1.58 7.50 -7.58
C ILE B 16 -2.61 6.55 -8.21
N CYS B 17 -3.75 7.08 -8.62
CA CYS B 17 -4.78 6.30 -9.25
C CYS B 17 -4.65 6.39 -10.76
N VAL B 18 -4.60 5.23 -11.43
CA VAL B 18 -4.51 5.25 -12.89
C VAL B 18 -5.73 4.56 -13.48
N VAL B 19 -6.42 5.29 -14.36
CA VAL B 19 -7.58 4.75 -15.03
C VAL B 19 -7.05 4.16 -16.33
N ILE B 20 -7.33 2.86 -16.54
CA ILE B 20 -6.84 2.17 -17.71
C ILE B 20 -7.99 1.68 -18.60
N ASN B 21 -7.89 2.00 -19.89
CA ASN B 21 -8.88 1.62 -20.88
C ASN B 21 -8.66 0.16 -21.32
N LEU B 22 -9.67 -0.43 -21.96
CA LEU B 22 -9.55 -1.83 -22.39
C LEU B 22 -9.30 -2.06 -23.88
N ASP B 23 -10.33 -1.84 -24.69
CA ASP B 23 -10.21 -2.09 -26.13
C ASP B 23 -9.27 -1.15 -26.86
N GLU B 24 -8.38 -1.76 -27.65
CA GLU B 24 -7.38 -1.06 -28.43
C GLU B 24 -6.25 -0.52 -27.56
N THR B 25 -6.33 -0.78 -26.26
CA THR B 25 -5.28 -0.34 -25.33
C THR B 25 -4.58 -1.58 -24.77
N LEU B 26 -5.37 -2.49 -24.18
CA LEU B 26 -4.79 -3.72 -23.62
C LEU B 26 -5.08 -4.97 -24.47
N VAL B 27 -6.19 -4.92 -25.20
CA VAL B 27 -6.61 -6.01 -26.05
C VAL B 27 -7.39 -5.45 -27.22
N HIS B 28 -7.66 -6.31 -28.20
CA HIS B 28 -8.50 -5.93 -29.32
C HIS B 28 -9.49 -7.07 -29.51
N SER B 29 -10.77 -6.74 -29.51
CA SER B 29 -11.83 -7.75 -29.65
C SER B 29 -12.69 -7.50 -30.87
N SER B 30 -13.14 -8.58 -31.49
CA SER B 30 -13.97 -8.46 -32.67
C SER B 30 -14.95 -9.61 -32.79
N PHE B 31 -16.00 -9.37 -33.56
CA PHE B 31 -17.01 -10.39 -33.78
C PHE B 31 -16.59 -11.23 -34.97
N LYS B 32 -15.61 -10.73 -35.70
CA LYS B 32 -15.09 -11.46 -36.84
C LYS B 32 -14.17 -12.55 -36.27
N PRO B 33 -14.36 -13.79 -36.70
CA PRO B 33 -13.57 -14.93 -36.23
C PRO B 33 -12.07 -14.71 -36.40
N VAL B 34 -11.32 -15.07 -35.36
CA VAL B 34 -9.88 -14.93 -35.35
C VAL B 34 -9.23 -16.27 -35.01
N ASN B 35 -8.27 -16.69 -35.81
CA ASN B 35 -7.55 -17.92 -35.54
C ASN B 35 -6.52 -17.65 -34.44
N ASN B 36 -6.28 -18.63 -33.58
CA ASN B 36 -5.33 -18.50 -32.48
C ASN B 36 -5.60 -17.26 -31.60
N ALA B 37 -6.86 -17.07 -31.25
CA ALA B 37 -7.23 -15.94 -30.40
C ALA B 37 -6.71 -16.23 -29.00
N ASP B 38 -6.54 -15.19 -28.17
CA ASP B 38 -6.10 -15.44 -26.80
C ASP B 38 -7.26 -15.95 -25.96
N PHE B 39 -8.43 -15.31 -26.12
CA PHE B 39 -9.65 -15.69 -25.41
C PHE B 39 -10.82 -15.54 -26.36
N ILE B 40 -11.88 -16.27 -26.08
CA ILE B 40 -13.10 -16.17 -26.86
C ILE B 40 -14.19 -16.11 -25.79
N ILE B 41 -15.02 -15.09 -25.83
CA ILE B 41 -16.07 -14.97 -24.83
C ILE B 41 -17.45 -14.88 -25.48
N PRO B 42 -18.38 -15.73 -25.04
CA PRO B 42 -19.74 -15.73 -25.59
C PRO B 42 -20.52 -14.59 -24.96
N VAL B 43 -21.08 -13.72 -25.79
CA VAL B 43 -21.84 -12.59 -25.31
C VAL B 43 -23.26 -12.65 -25.85
N GLU B 44 -24.24 -12.69 -24.94
CA GLU B 44 -25.63 -12.76 -25.35
C GLU B 44 -26.21 -11.39 -25.63
N ILE B 45 -26.74 -11.24 -26.84
CA ILE B 45 -27.37 -10.00 -27.28
C ILE B 45 -28.69 -10.38 -27.93
N ASP B 46 -29.79 -9.82 -27.41
CA ASP B 46 -31.12 -10.13 -27.96
C ASP B 46 -31.37 -11.64 -27.89
N GLY B 47 -30.95 -12.26 -26.80
CA GLY B 47 -31.16 -13.69 -26.65
C GLY B 47 -30.39 -14.54 -27.64
N VAL B 48 -29.42 -13.96 -28.33
CA VAL B 48 -28.61 -14.71 -29.28
C VAL B 48 -27.16 -14.63 -28.86
N VAL B 49 -26.52 -15.78 -28.66
CA VAL B 49 -25.13 -15.79 -28.25
C VAL B 49 -24.18 -15.64 -29.44
N HIS B 50 -23.27 -14.68 -29.33
CA HIS B 50 -22.28 -14.43 -30.38
C HIS B 50 -20.90 -14.56 -29.76
N GLN B 51 -19.94 -15.09 -30.53
CA GLN B 51 -18.60 -15.25 -29.99
C GLN B 51 -17.78 -13.98 -30.24
N VAL B 52 -17.08 -13.52 -29.21
CA VAL B 52 -16.23 -12.32 -29.31
C VAL B 52 -14.79 -12.84 -29.19
N TYR B 53 -13.98 -12.60 -30.22
CA TYR B 53 -12.60 -13.08 -30.28
C TYR B 53 -11.64 -12.00 -29.80
N VAL B 54 -10.87 -12.33 -28.76
CA VAL B 54 -9.97 -11.38 -28.15
C VAL B 54 -8.49 -11.69 -28.35
N LEU B 55 -7.73 -10.65 -28.69
CA LEU B 55 -6.28 -10.76 -28.85
C LEU B 55 -5.63 -9.83 -27.82
N LYS B 56 -4.62 -10.34 -27.13
CA LYS B 56 -3.89 -9.57 -26.11
C LYS B 56 -2.74 -8.82 -26.75
N ARG B 57 -2.59 -7.56 -26.37
CA ARG B 57 -1.49 -6.74 -26.89
C ARG B 57 -0.18 -7.27 -26.28
N PRO B 58 0.90 -7.29 -27.06
CA PRO B 58 2.18 -7.79 -26.52
C PRO B 58 2.55 -7.08 -25.22
N HIS B 59 3.19 -7.83 -24.32
CA HIS B 59 3.61 -7.38 -23.00
C HIS B 59 2.50 -6.90 -22.06
N VAL B 60 1.25 -7.25 -22.33
CA VAL B 60 0.18 -6.81 -21.45
C VAL B 60 0.28 -7.47 -20.07
N ASP B 61 0.78 -8.70 -19.99
CA ASP B 61 0.87 -9.31 -18.66
C ASP B 61 1.91 -8.64 -17.77
N GLU B 62 3.10 -8.38 -18.31
CA GLU B 62 4.14 -7.71 -17.54
C GLU B 62 3.64 -6.32 -17.16
N PHE B 63 2.97 -5.68 -18.11
CA PHE B 63 2.44 -4.34 -17.89
C PHE B 63 1.44 -4.29 -16.72
N LEU B 64 0.35 -5.04 -16.82
CA LEU B 64 -0.66 -5.04 -15.75
C LEU B 64 -0.11 -5.46 -14.41
N GLN B 65 0.78 -6.44 -14.40
CA GLN B 65 1.34 -6.91 -13.15
C GLN B 65 2.13 -5.80 -12.44
N ARG B 66 2.90 -5.04 -13.21
CA ARG B 66 3.70 -3.96 -12.63
C ARG B 66 2.80 -2.77 -12.29
N MET B 67 1.87 -2.43 -13.18
CA MET B 67 0.97 -1.30 -12.89
C MET B 67 0.18 -1.56 -11.61
N GLY B 68 -0.20 -2.82 -11.38
CA GLY B 68 -0.96 -3.14 -10.17
C GLY B 68 -0.19 -2.85 -8.89
N GLU B 69 1.14 -2.97 -8.92
CA GLU B 69 1.94 -2.70 -7.74
C GLU B 69 2.17 -1.19 -7.58
N LEU B 70 2.43 -0.54 -8.71
CA LEU B 70 2.75 0.90 -8.72
C LEU B 70 1.60 1.84 -8.41
N PHE B 71 0.38 1.46 -8.78
CA PHE B 71 -0.77 2.34 -8.64
C PHE B 71 -2.02 1.67 -8.07
N GLU B 72 -3.07 2.48 -7.90
CA GLU B 72 -4.38 1.96 -7.51
C GLU B 72 -4.98 1.94 -8.92
N CYS B 73 -4.99 0.78 -9.56
CA CYS B 73 -5.53 0.68 -10.92
C CYS B 73 -7.03 0.51 -11.01
N VAL B 74 -7.62 1.19 -11.99
CA VAL B 74 -9.05 1.10 -12.22
C VAL B 74 -9.32 0.92 -13.71
N LEU B 75 -10.12 -0.08 -14.05
CA LEU B 75 -10.47 -0.34 -15.43
C LEU B 75 -11.64 0.59 -15.69
N PHE B 76 -11.53 1.39 -16.75
CA PHE B 76 -12.61 2.34 -17.08
C PHE B 76 -12.75 2.22 -18.59
N THR B 77 -13.85 1.62 -19.01
CA THR B 77 -14.08 1.36 -20.43
C THR B 77 -15.47 1.75 -20.91
N ALA B 78 -15.57 2.05 -22.20
CA ALA B 78 -16.85 2.40 -22.80
C ALA B 78 -17.53 1.11 -23.28
N SER B 79 -16.96 -0.04 -22.92
CA SER B 79 -17.58 -1.30 -23.32
C SER B 79 -18.62 -1.70 -22.29
N LEU B 80 -19.45 -2.66 -22.64
CA LEU B 80 -20.49 -3.16 -21.76
C LEU B 80 -19.89 -4.23 -20.85
N ALA B 81 -20.33 -4.27 -19.61
CA ALA B 81 -19.83 -5.24 -18.64
C ALA B 81 -19.96 -6.71 -19.06
N LYS B 82 -21.04 -7.06 -19.77
CA LYS B 82 -21.24 -8.45 -20.21
C LYS B 82 -20.03 -8.97 -20.98
N TYR B 83 -19.29 -8.05 -21.58
CA TYR B 83 -18.08 -8.36 -22.34
C TYR B 83 -16.82 -8.13 -21.52
N ALA B 84 -16.67 -6.91 -21.02
CA ALA B 84 -15.49 -6.53 -20.24
C ALA B 84 -15.22 -7.34 -18.97
N ASP B 85 -16.25 -7.67 -18.19
CA ASP B 85 -15.99 -8.45 -16.98
C ASP B 85 -15.30 -9.77 -17.31
N PRO B 86 -15.85 -10.54 -18.27
CA PRO B 86 -15.21 -11.82 -18.62
C PRO B 86 -13.77 -11.64 -19.10
N VAL B 87 -13.53 -10.60 -19.90
CA VAL B 87 -12.18 -10.37 -20.41
C VAL B 87 -11.25 -10.00 -19.25
N ALA B 88 -11.70 -9.10 -18.40
CA ALA B 88 -10.90 -8.67 -17.27
C ALA B 88 -10.62 -9.83 -16.31
N ASP B 89 -11.60 -10.72 -16.13
CA ASP B 89 -11.40 -11.87 -15.24
C ASP B 89 -10.26 -12.73 -15.77
N LEU B 90 -10.18 -12.87 -17.08
CA LEU B 90 -9.12 -13.71 -17.67
C LEU B 90 -7.78 -12.99 -17.78
N LEU B 91 -7.83 -11.67 -17.94
CA LEU B 91 -6.64 -10.85 -18.08
C LEU B 91 -5.87 -10.57 -16.81
N ASP B 92 -6.60 -10.08 -15.81
CA ASP B 92 -6.01 -9.66 -14.53
C ASP B 92 -5.80 -10.79 -13.51
N LYS B 93 -4.63 -11.43 -13.60
CA LYS B 93 -4.28 -12.52 -12.70
C LYS B 93 -3.75 -12.07 -11.34
N TRP B 94 -3.52 -10.78 -11.19
CA TRP B 94 -2.93 -10.25 -9.96
C TRP B 94 -3.82 -9.33 -9.14
N GLY B 95 -5.07 -9.19 -9.54
CA GLY B 95 -5.97 -8.31 -8.81
C GLY B 95 -5.52 -6.87 -8.99
N ALA B 96 -4.95 -6.56 -10.15
CA ALA B 96 -4.47 -5.22 -10.46
C ALA B 96 -5.62 -4.20 -10.49
N PHE B 97 -6.74 -4.58 -11.10
CA PHE B 97 -7.90 -3.69 -11.19
C PHE B 97 -8.62 -3.71 -9.85
N ARG B 98 -8.55 -2.60 -9.13
CA ARG B 98 -9.20 -2.47 -7.83
C ARG B 98 -10.69 -2.21 -8.02
N ALA B 99 -11.04 -1.76 -9.22
CA ALA B 99 -12.43 -1.49 -9.56
C ALA B 99 -12.60 -1.50 -11.07
N ARG B 100 -13.84 -1.66 -11.51
CA ARG B 100 -14.16 -1.68 -12.93
C ARG B 100 -15.35 -0.76 -13.18
N LEU B 101 -15.23 0.09 -14.19
CA LEU B 101 -16.27 1.05 -14.57
C LEU B 101 -16.53 0.86 -16.05
N PHE B 102 -17.80 0.74 -16.43
CA PHE B 102 -18.13 0.51 -17.82
C PHE B 102 -18.81 1.67 -18.55
N ARG B 103 -19.40 1.39 -19.71
CA ARG B 103 -20.03 2.43 -20.51
C ARG B 103 -20.98 3.34 -19.72
N GLU B 104 -21.81 2.73 -18.88
CA GLU B 104 -22.78 3.49 -18.08
C GLU B 104 -22.11 4.57 -17.23
N SER B 105 -20.86 4.32 -16.84
CA SER B 105 -20.13 5.27 -16.03
C SER B 105 -19.45 6.36 -16.85
N CYS B 106 -19.51 6.24 -18.17
CA CYS B 106 -18.91 7.23 -19.06
C CYS B 106 -19.95 8.33 -19.32
N VAL B 107 -19.47 9.49 -19.76
CA VAL B 107 -20.33 10.63 -20.07
C VAL B 107 -20.35 10.76 -21.59
N PHE B 108 -21.51 10.54 -22.20
CA PHE B 108 -21.64 10.65 -23.64
C PHE B 108 -21.70 12.13 -23.98
N HIS B 109 -20.61 12.66 -24.50
CA HIS B 109 -20.50 14.08 -24.83
C HIS B 109 -20.16 14.30 -26.29
N ARG B 110 -21.04 15.05 -26.97
CA ARG B 110 -20.87 15.34 -28.38
C ARG B 110 -20.48 14.12 -29.20
N GLY B 111 -21.19 13.01 -28.97
CA GLY B 111 -20.94 11.79 -29.72
C GLY B 111 -19.75 10.94 -29.29
N ASN B 112 -19.10 11.31 -28.19
CA ASN B 112 -17.96 10.57 -27.69
C ASN B 112 -18.20 10.16 -26.24
N TYR B 113 -17.66 8.99 -25.87
CA TYR B 113 -17.75 8.52 -24.50
C TYR B 113 -16.56 9.10 -23.77
N VAL B 114 -16.83 9.94 -22.78
CA VAL B 114 -15.76 10.59 -22.06
C VAL B 114 -15.63 10.05 -20.64
N LYS B 115 -14.39 9.83 -20.22
CA LYS B 115 -14.11 9.34 -18.88
C LYS B 115 -13.91 10.60 -18.05
N ASP B 116 -14.96 11.04 -17.37
CA ASP B 116 -14.89 12.24 -16.55
C ASP B 116 -14.19 11.93 -15.24
N LEU B 117 -12.90 12.24 -15.17
CA LEU B 117 -12.10 11.92 -14.00
C LEU B 117 -12.58 12.61 -12.73
N SER B 118 -13.25 13.75 -12.90
CA SER B 118 -13.76 14.50 -11.75
C SER B 118 -14.83 13.72 -10.99
N ARG B 119 -15.37 12.68 -11.61
CA ARG B 119 -16.40 11.87 -10.97
C ARG B 119 -15.83 10.69 -10.18
N LEU B 120 -14.52 10.45 -10.32
CA LEU B 120 -13.88 9.33 -9.63
C LEU B 120 -13.92 9.41 -8.10
N GLY B 121 -13.60 10.60 -7.58
CA GLY B 121 -13.58 10.77 -6.14
C GLY B 121 -12.14 10.68 -5.67
N ARG B 122 -11.22 11.05 -6.55
CA ARG B 122 -9.80 11.03 -6.22
C ARG B 122 -9.23 12.42 -6.54
N ASP B 123 -8.16 12.80 -5.82
CA ASP B 123 -7.51 14.09 -6.04
C ASP B 123 -6.90 14.06 -7.45
N LEU B 124 -7.32 15.00 -8.32
CA LEU B 124 -6.83 15.00 -9.70
C LEU B 124 -5.31 15.13 -9.85
N ARG B 125 -4.63 15.66 -8.84
CA ARG B 125 -3.19 15.79 -8.89
C ARG B 125 -2.57 14.40 -8.76
N ARG B 126 -3.39 13.42 -8.40
CA ARG B 126 -2.92 12.06 -8.22
C ARG B 126 -3.78 11.05 -8.99
N VAL B 127 -4.17 11.45 -10.19
CA VAL B 127 -4.94 10.60 -11.10
C VAL B 127 -4.32 10.66 -12.49
N LEU B 128 -4.23 9.49 -13.12
CA LEU B 128 -3.70 9.38 -14.47
C LEU B 128 -4.70 8.60 -15.30
N ILE B 129 -4.76 8.87 -16.61
CA ILE B 129 -5.63 8.10 -17.48
C ILE B 129 -4.84 7.65 -18.72
N LEU B 130 -4.88 6.33 -18.97
CA LEU B 130 -4.21 5.72 -20.10
C LEU B 130 -5.32 5.22 -21.03
N ASP B 131 -5.45 5.85 -22.20
CA ASP B 131 -6.49 5.50 -23.14
C ASP B 131 -5.98 5.76 -24.57
N ASN B 132 -6.40 4.93 -25.50
CA ASN B 132 -5.97 5.07 -26.90
C ASN B 132 -6.75 6.11 -27.67
N SER B 133 -7.82 6.61 -27.08
CA SER B 133 -8.68 7.60 -27.72
C SER B 133 -8.62 8.94 -27.01
N PRO B 134 -8.02 9.96 -27.64
CA PRO B 134 -7.92 11.28 -27.01
C PRO B 134 -9.28 11.82 -26.59
N ALA B 135 -10.32 11.52 -27.37
CA ALA B 135 -11.66 11.99 -27.04
C ALA B 135 -12.07 11.52 -25.65
N SER B 136 -11.53 10.38 -25.22
CA SER B 136 -11.87 9.83 -23.91
C SER B 136 -11.48 10.74 -22.75
N TYR B 137 -10.43 11.53 -22.91
CA TYR B 137 -10.00 12.42 -21.85
C TYR B 137 -10.07 13.90 -22.20
N VAL B 138 -11.04 14.27 -23.02
CA VAL B 138 -11.22 15.67 -23.43
C VAL B 138 -11.35 16.64 -22.28
N PHE B 139 -11.91 16.20 -21.17
CA PHE B 139 -12.07 17.07 -20.01
C PHE B 139 -10.83 17.15 -19.12
N HIS B 140 -9.89 16.22 -19.32
CA HIS B 140 -8.70 16.18 -18.50
C HIS B 140 -7.44 15.85 -19.32
N PRO B 141 -7.15 16.65 -20.36
CA PRO B 141 -5.97 16.39 -21.20
C PRO B 141 -4.65 16.39 -20.45
N ASP B 142 -4.56 17.09 -19.33
CA ASP B 142 -3.32 17.14 -18.57
C ASP B 142 -3.08 16.01 -17.57
N ASN B 143 -3.98 15.03 -17.57
CA ASN B 143 -3.86 13.85 -16.70
C ASN B 143 -3.62 12.62 -17.58
N ALA B 144 -3.49 12.84 -18.88
CA ALA B 144 -3.36 11.73 -19.80
C ALA B 144 -1.96 11.31 -20.22
N VAL B 145 -1.83 10.01 -20.45
CA VAL B 145 -0.59 9.42 -20.95
C VAL B 145 -1.11 8.70 -22.19
N PRO B 146 -0.88 9.28 -23.38
CA PRO B 146 -1.31 8.70 -24.65
C PRO B 146 -0.68 7.36 -24.97
N VAL B 147 -1.39 6.57 -25.76
CA VAL B 147 -0.89 5.27 -26.19
C VAL B 147 -1.57 4.98 -27.53
N ALA B 148 -0.83 4.44 -28.47
CA ALA B 148 -1.39 4.17 -29.80
C ALA B 148 -2.41 3.03 -29.78
N SER B 149 -3.43 3.16 -30.62
CA SER B 149 -4.47 2.14 -30.75
C SER B 149 -3.81 0.88 -31.28
N TRP B 150 -4.14 -0.26 -30.68
CA TRP B 150 -3.55 -1.53 -31.09
C TRP B 150 -4.65 -2.49 -31.58
N PHE B 151 -4.35 -3.23 -32.64
CA PHE B 151 -5.32 -4.17 -33.18
C PHE B 151 -4.77 -5.56 -33.30
N ASP B 152 -3.59 -5.71 -33.93
CA ASP B 152 -3.03 -7.03 -34.09
C ASP B 152 -1.52 -7.08 -34.36
N ASN B 153 -0.86 -5.93 -34.32
CA ASN B 153 0.59 -5.91 -34.55
C ASN B 153 1.30 -6.59 -33.40
N MET B 154 1.78 -7.81 -33.64
CA MET B 154 2.49 -8.56 -32.61
C MET B 154 3.91 -8.07 -32.34
N SER B 155 4.35 -7.06 -33.09
CA SER B 155 5.67 -6.49 -32.90
C SER B 155 5.58 -5.23 -32.03
N ASP B 156 4.36 -4.87 -31.65
CA ASP B 156 4.12 -3.70 -30.81
C ASP B 156 4.83 -3.82 -29.46
N THR B 157 5.42 -2.72 -28.99
CA THR B 157 6.11 -2.73 -27.70
C THR B 157 5.71 -1.53 -26.85
N GLU B 158 4.63 -0.85 -27.22
CA GLU B 158 4.21 0.34 -26.47
C GLU B 158 4.02 0.17 -24.97
N LEU B 159 3.37 -0.91 -24.56
CA LEU B 159 3.14 -1.08 -23.12
C LEU B 159 4.46 -1.27 -22.40
N HIS B 160 5.36 -2.03 -23.00
CA HIS B 160 6.69 -2.25 -22.42
C HIS B 160 7.42 -0.90 -22.36
N ASP B 161 7.35 -0.15 -23.45
CA ASP B 161 8.06 1.13 -23.53
C ASP B 161 7.50 2.21 -22.61
N LEU B 162 6.25 2.06 -22.18
CA LEU B 162 5.66 3.05 -21.28
C LEU B 162 6.00 2.83 -19.82
N LEU B 163 6.35 1.59 -19.43
CA LEU B 163 6.63 1.31 -18.04
C LEU B 163 7.62 2.25 -17.33
N PRO B 164 8.76 2.55 -17.96
CA PRO B 164 9.75 3.46 -17.33
C PRO B 164 9.11 4.80 -16.95
N PHE B 165 8.22 5.29 -17.81
CA PHE B 165 7.55 6.56 -17.56
C PHE B 165 6.59 6.40 -16.38
N PHE B 166 5.80 5.32 -16.37
CA PHE B 166 4.88 5.11 -15.26
C PHE B 166 5.66 4.89 -13.97
N GLU B 167 6.86 4.32 -14.10
CA GLU B 167 7.67 4.06 -12.93
C GLU B 167 7.97 5.44 -12.30
N GLN B 168 8.29 6.42 -13.13
CA GLN B 168 8.58 7.78 -12.63
C GLN B 168 7.32 8.40 -12.03
N LEU B 169 6.23 8.38 -12.79
CA LEU B 169 4.97 8.95 -12.31
C LEU B 169 4.45 8.39 -10.99
N SER B 170 4.65 7.09 -10.76
CA SER B 170 4.16 6.47 -9.54
C SER B 170 4.74 7.04 -8.27
N ARG B 171 5.91 7.65 -8.40
CA ARG B 171 6.63 8.22 -7.27
C ARG B 171 6.44 9.72 -7.01
N VAL B 172 5.88 10.44 -7.97
CA VAL B 172 5.69 11.88 -7.80
C VAL B 172 4.50 12.23 -6.90
N ASP B 173 4.48 13.46 -6.39
CA ASP B 173 3.39 13.92 -5.53
C ASP B 173 2.26 14.54 -6.34
N ASP B 174 2.60 15.17 -7.45
CA ASP B 174 1.63 15.84 -8.31
C ASP B 174 1.95 15.52 -9.77
N VAL B 175 1.09 14.74 -10.43
CA VAL B 175 1.34 14.38 -11.81
C VAL B 175 1.45 15.58 -12.75
N TYR B 176 0.78 16.67 -12.42
CA TYR B 176 0.83 17.85 -13.28
C TYR B 176 2.25 18.40 -13.34
N SER B 177 3.05 18.08 -12.33
CA SER B 177 4.44 18.53 -12.28
C SER B 177 5.20 17.96 -13.45
N VAL B 178 4.75 16.81 -13.93
CA VAL B 178 5.39 16.13 -15.05
C VAL B 178 4.58 16.30 -16.33
N LEU B 179 3.28 16.10 -16.24
CA LEU B 179 2.42 16.21 -17.41
C LEU B 179 2.16 17.65 -17.81
N ARG B 180 2.50 18.57 -16.91
CA ARG B 180 2.36 20.01 -17.13
C ARG B 180 0.93 20.52 -17.07
N GLN B 181 0.62 21.29 -16.02
CA GLN B 181 -0.72 21.88 -15.84
C GLN B 181 -0.81 22.66 -14.54
N SER C 3 -5.76 -2.11 7.09
CA SER C 3 -4.31 -1.81 6.86
C SER C 3 -3.44 -2.72 7.72
N PRO C 4 -2.37 -3.28 7.15
CA PRO C 4 -1.45 -4.18 7.87
C PRO C 4 -0.54 -3.39 8.82
N THR C 5 -0.31 -2.11 8.53
CA THR C 5 0.54 -1.27 9.36
C THR C 5 -0.25 -0.76 10.57
N SEP C 6 0.37 0.04 11.43
CA SEP C 6 -0.31 0.56 12.62
CB SEP C 6 0.69 1.13 13.63
OG SEP C 6 1.50 0.10 14.19
C SEP C 6 -1.27 1.66 12.22
O SEP C 6 -0.87 2.67 11.65
P SEP C 6 2.50 0.70 15.38
O1P SEP C 6 1.91 0.48 16.70
O2P SEP C 6 3.86 0.08 15.22
O3P SEP C 6 2.66 2.17 15.19
N PRO C 7 -2.58 1.48 12.52
CA PRO C 7 -3.56 2.50 12.15
C PRO C 7 -3.33 3.84 12.85
N SER D 1 -30.31 -4.77 -31.34
CA SER D 1 -28.89 -5.19 -31.12
C SER D 1 -28.01 -3.98 -30.80
N TYR D 2 -26.90 -4.41 -30.25
CA TYR D 2 -25.93 -3.48 -29.83
C TYR D 2 -24.62 -4.24 -29.70
N SER D 3 -23.52 -3.49 -29.62
CA SER D 3 -22.20 -4.11 -29.47
C SER D 3 -21.70 -3.92 -28.03
N PRO D 4 -21.16 -4.99 -27.44
CA PRO D 4 -20.65 -4.97 -26.07
C PRO D 4 -19.24 -4.39 -25.91
N THR D 5 -18.59 -4.08 -27.03
CA THR D 5 -17.23 -3.53 -27.00
C THR D 5 -17.24 -1.99 -27.03
N SEP D 6 -16.06 -1.39 -26.89
CA SEP D 6 -15.96 0.07 -26.89
CB SEP D 6 -14.58 0.55 -26.41
OG SEP D 6 -14.36 0.29 -25.05
C SEP D 6 -16.19 0.67 -28.25
O SEP D 6 -15.80 0.10 -29.28
P SEP D 6 -12.93 1.11 -24.57
O1P SEP D 6 -12.05 1.35 -25.70
O2P SEP D 6 -13.17 2.31 -23.72
O3P SEP D 6 -12.27 0.11 -23.70
N PRO D 7 -16.86 1.84 -28.29
CA PRO D 7 -17.14 2.56 -29.54
C PRO D 7 -15.97 3.51 -29.74
N SER D 8 -15.85 4.90 -28.72
CA SER D 8 -14.80 5.93 -28.76
C SER D 8 -15.07 7.04 -27.72
MG MG E . 3.57 4.04 15.91
MG MG F . -10.35 2.40 -26.16
#